data_7M45
#
_entry.id   7M45
#
_cell.length_a   56.018
_cell.length_b   62.547
_cell.length_c   140.010
_cell.angle_alpha   90.000
_cell.angle_beta   90.000
_cell.angle_gamma   90.000
#
_symmetry.space_group_name_H-M   'P 21 21 21'
#
loop_
_entity.id
_entity.type
_entity.pdbx_description
1 polymer 'DNA polymerase lambda'
2 polymer "DNA (5'-D(*CP*GP*GP*CP*AP*GP*TP*AP*CP*TP*G)-3')"
3 polymer "DNA (5'-D(*CP*AP*GP*TP*AP*CP*T)-3')"
4 polymer "DNA (5'-D(P*GP*CP*CP*G)-3')"
5 non-polymer PYROPHOSPHATE
6 non-polymer "THYMIDINE-5'-TRIPHOSPHATE"
7 non-polymer 'MAGNESIUM ION'
8 non-polymer 'SODIUM ION'
9 non-polymer 1,2-ETHANEDIOL
10 non-polymer 'S,R MESO-TARTARIC ACID'
11 water water
#
loop_
_entity_poly.entity_id
_entity_poly.type
_entity_poly.pdbx_seq_one_letter_code
_entity_poly.pdbx_strand_id
1 'polypeptide(L)'
;AQPSSQKATNHNLHITEKLEVLAKAYSVQGDKWRALGYAKAINALKSFHKPVTSYQEACSIPGIGKRMAEKIIEILESGH
LRKLDHISESVPVLELFSNIWGAGTKTAQMWYQQGFRSLEDIRSQASLTTQQAIGLKHYSDFLERMPREEATEIEQTVQK
AAQAFNSGLLCVACGSYRRGKATCGDVDVLITHPDGRSHRGIFSRLLDSLRQEGFLTDDLVKGETKYLGVCRLPGPGRRH
RRLDIIVVPYSEFACALLYFTGSAHFNRSMRALAKTKGMSLSEHALSTAVVRNTHGAKVGPGRVLPTPTEKDVFRLLGLP
YREPAERDW
;
A
2 'polydeoxyribonucleotide' (DC)(DG)(DG)(DC)(DA)(DG)(DT)(DA)(DC)(DT)(DG) T
3 'polydeoxyribonucleotide' (DC)(DA)(DG)(DT)(DA)(DC)(DT) P
4 'polydeoxyribonucleotide' (DG)(DC)(DC)(DG) D
#
# COMPACT_ATOMS: atom_id res chain seq x y z
N ASN A 10 22.12 2.75 0.31
CA ASN A 10 21.84 3.25 1.66
C ASN A 10 23.12 3.30 2.48
N HIS A 11 23.50 4.51 2.88
CA HIS A 11 24.73 4.73 3.62
C HIS A 11 24.60 4.39 5.10
N ASN A 12 23.42 4.02 5.57
CA ASN A 12 23.19 3.88 7.01
C ASN A 12 22.49 2.57 7.36
N LEU A 13 22.72 1.51 6.59
CA LEU A 13 22.11 0.22 6.89
C LEU A 13 22.33 -0.17 8.34
N HIS A 14 23.54 0.04 8.86
CA HIS A 14 23.83 -0.29 10.24
C HIS A 14 22.93 0.45 11.22
N ILE A 15 22.33 1.58 10.80
CA ILE A 15 21.36 2.29 11.60
C ILE A 15 19.95 1.79 11.27
N THR A 16 19.53 1.92 10.01
CA THR A 16 18.14 1.65 9.67
C THR A 16 17.76 0.21 9.92
N GLU A 17 18.71 -0.71 9.74
CA GLU A 17 18.40 -2.13 9.97
C GLU A 17 17.85 -2.32 11.38
N LYS A 18 18.46 -1.71 12.38
CA LYS A 18 17.95 -1.88 13.72
C LYS A 18 16.69 -1.04 13.95
N LEU A 19 16.60 0.15 13.34
CA LEU A 19 15.36 0.90 13.53
C LEU A 19 14.16 0.20 12.88
N GLU A 20 14.35 -0.49 11.76
CA GLU A 20 13.22 -1.19 11.18
C GLU A 20 12.64 -2.18 12.18
N VAL A 21 13.50 -2.81 13.00
CA VAL A 21 13.02 -3.78 13.97
C VAL A 21 12.07 -3.11 14.96
N LEU A 22 12.45 -1.95 15.49
CA LEU A 22 11.57 -1.27 16.45
C LEU A 22 10.30 -0.79 15.76
N ALA A 23 10.44 -0.24 14.55
CA ALA A 23 9.28 0.21 13.80
C ALA A 23 8.24 -0.90 13.66
N LYS A 24 8.67 -2.06 13.15
CA LYS A 24 7.77 -3.21 12.99
C LYS A 24 7.11 -3.58 14.32
N ALA A 25 7.89 -3.57 15.40
CA ALA A 25 7.35 -3.89 16.72
C ALA A 25 6.21 -2.95 17.08
N TYR A 26 6.46 -1.64 17.02
CA TYR A 26 5.40 -0.70 17.30
C TYR A 26 4.20 -0.90 16.37
N SER A 27 4.47 -1.21 15.10
CA SER A 27 3.39 -1.38 14.13
C SER A 27 2.46 -2.54 14.50
N VAL A 28 3.01 -3.75 14.67
CA VAL A 28 2.15 -4.89 14.94
C VAL A 28 1.48 -4.76 16.30
N GLN A 29 2.07 -4.00 17.22
CA GLN A 29 1.45 -3.77 18.52
C GLN A 29 0.41 -2.66 18.51
N GLY A 30 0.14 -2.05 17.36
CA GLY A 30 -0.90 -1.06 17.27
C GLY A 30 -0.50 0.38 17.50
N ASP A 31 0.77 0.67 17.77
CA ASP A 31 1.21 2.05 18.02
C ASP A 31 1.53 2.69 16.67
N LYS A 32 0.46 3.10 15.98
CA LYS A 32 0.59 3.42 14.56
C LYS A 32 1.35 4.71 14.34
N TRP A 33 1.10 5.73 15.17
CA TRP A 33 1.75 7.02 14.93
C TRP A 33 3.24 6.96 15.24
N ARG A 34 3.62 6.26 16.31
CA ARG A 34 5.04 6.10 16.59
C ARG A 34 5.71 5.27 15.49
N ALA A 35 5.01 4.24 14.99
CA ALA A 35 5.58 3.47 13.89
C ALA A 35 5.74 4.34 12.66
N LEU A 36 4.76 5.22 12.41
CA LEU A 36 4.87 6.16 11.30
C LEU A 36 6.11 7.03 11.44
N GLY A 37 6.33 7.61 12.62
CA GLY A 37 7.55 8.37 12.84
C GLY A 37 8.79 7.57 12.48
N TYR A 38 8.87 6.33 12.96
CA TYR A 38 10.02 5.49 12.67
C TYR A 38 10.16 5.28 11.17
N ALA A 39 9.06 4.94 10.49
CA ALA A 39 9.10 4.70 9.07
C ALA A 39 9.67 5.90 8.33
N LYS A 40 9.24 7.10 8.74
CA LYS A 40 9.68 8.31 8.04
C LYS A 40 11.16 8.57 8.30
N ALA A 41 11.60 8.47 9.55
CA ALA A 41 13.01 8.65 9.84
C ALA A 41 13.86 7.66 9.05
N ILE A 42 13.37 6.44 8.87
CA ILE A 42 14.13 5.40 8.20
C ILE A 42 14.31 5.74 6.72
N ASN A 43 13.23 6.13 6.05
CA ASN A 43 13.35 6.60 4.68
C ASN A 43 14.34 7.75 4.59
N ALA A 44 14.19 8.74 5.48
CA ALA A 44 15.10 9.86 5.50
C ALA A 44 16.55 9.40 5.63
N LEU A 45 16.80 8.47 6.56
CA LEU A 45 18.18 8.00 6.73
C LEU A 45 18.63 7.16 5.53
N LYS A 46 17.71 6.46 4.88
CA LYS A 46 18.07 5.69 3.70
C LYS A 46 18.42 6.59 2.53
N SER A 47 18.01 7.85 2.56
N SER A 47 18.00 7.85 2.54
CA SER A 47 18.19 8.79 1.45
CA SER A 47 18.23 8.76 1.43
C SER A 47 19.36 9.73 1.64
C SER A 47 19.41 9.70 1.63
N PHE A 48 19.90 9.84 2.86
CA PHE A 48 21.07 10.68 3.10
C PHE A 48 22.26 10.10 2.36
N HIS A 49 22.92 10.93 1.55
CA HIS A 49 24.13 10.51 0.86
C HIS A 49 25.14 9.93 1.85
N LYS A 50 25.59 10.76 2.81
CA LYS A 50 26.70 10.46 3.71
C LYS A 50 26.21 9.69 4.92
N PRO A 51 26.98 8.72 5.42
CA PRO A 51 26.64 8.13 6.72
C PRO A 51 26.52 9.23 7.78
N VAL A 52 25.57 9.04 8.68
CA VAL A 52 25.34 9.97 9.78
C VAL A 52 26.44 9.77 10.82
N THR A 53 27.19 10.83 11.11
CA THR A 53 28.38 10.73 11.94
C THR A 53 28.35 11.60 13.19
N SER A 54 27.30 12.40 13.38
CA SER A 54 27.16 13.21 14.58
C SER A 54 25.69 13.41 14.91
N TYR A 55 25.38 13.43 16.21
CA TYR A 55 24.04 13.82 16.67
C TYR A 55 23.62 15.14 16.02
N GLN A 56 24.54 16.11 15.98
CA GLN A 56 24.26 17.40 15.35
C GLN A 56 23.86 17.23 13.90
N GLU A 57 24.52 16.33 13.18
CA GLU A 57 24.12 15.96 11.84
C GLU A 57 22.83 15.16 11.86
N ALA A 58 22.61 14.34 12.89
CA ALA A 58 21.37 13.58 12.97
C ALA A 58 20.17 14.50 12.87
N CYS A 59 20.08 15.46 13.78
CA CYS A 59 18.96 16.40 13.78
C CYS A 59 18.88 17.19 12.48
N SER A 60 19.97 17.18 11.70
CA SER A 60 19.97 17.87 10.41
C SER A 60 18.89 17.33 9.49
N ILE A 61 18.65 16.02 9.54
CA ILE A 61 17.78 15.37 8.57
C ILE A 61 16.33 15.65 8.93
N PRO A 62 15.52 16.16 8.01
CA PRO A 62 14.07 16.22 8.24
C PRO A 62 13.54 14.81 8.52
N GLY A 63 12.81 14.69 9.62
CA GLY A 63 12.32 13.41 10.06
C GLY A 63 13.14 12.78 11.16
N ILE A 64 14.17 13.46 11.64
CA ILE A 64 15.00 12.96 12.74
C ILE A 64 14.98 14.02 13.84
N GLY A 65 14.42 13.66 14.99
CA GLY A 65 14.42 14.52 16.16
C GLY A 65 15.49 14.12 17.16
N LYS A 66 15.37 14.68 18.36
CA LYS A 66 16.33 14.36 19.42
C LYS A 66 16.25 12.89 19.80
N ARG A 67 15.05 12.39 20.07
CA ARG A 67 14.91 10.99 20.46
C ARG A 67 15.55 10.06 19.42
N MET A 68 15.37 10.37 18.14
N MET A 68 15.35 10.35 18.14
CA MET A 68 15.88 9.51 17.07
CA MET A 68 15.91 9.48 17.11
C MET A 68 17.39 9.68 16.92
C MET A 68 17.41 9.68 17.00
N ALA A 69 17.87 10.93 16.96
CA ALA A 69 19.31 11.18 16.96
C ALA A 69 19.97 10.49 18.14
N GLU A 70 19.37 10.59 19.33
CA GLU A 70 19.92 9.90 20.50
C GLU A 70 20.14 8.42 20.19
N LYS A 71 19.16 7.79 19.54
CA LYS A 71 19.27 6.36 19.23
C LYS A 71 20.38 6.10 18.23
N ILE A 72 20.43 6.88 17.15
CA ILE A 72 21.41 6.61 16.12
C ILE A 72 22.83 6.76 16.66
N ILE A 73 23.04 7.66 17.63
CA ILE A 73 24.39 7.76 18.19
C ILE A 73 24.71 6.55 19.06
N GLU A 74 23.72 6.04 19.80
CA GLU A 74 23.97 4.82 20.59
C GLU A 74 24.50 3.70 19.69
N ILE A 75 23.99 3.59 18.47
CA ILE A 75 24.41 2.53 17.57
C ILE A 75 25.80 2.81 17.01
N LEU A 76 26.06 4.06 16.60
CA LEU A 76 27.39 4.35 16.07
C LEU A 76 28.45 4.28 17.17
N GLU A 77 28.10 4.61 18.41
CA GLU A 77 29.02 4.43 19.53
C GLU A 77 29.11 2.97 19.96
N SER A 78 27.95 2.36 20.26
CA SER A 78 27.87 1.02 20.83
C SER A 78 27.69 -0.07 19.79
N GLY A 79 27.43 0.27 18.53
CA GLY A 79 27.07 -0.75 17.58
C GLY A 79 25.78 -1.47 17.85
N HIS A 80 24.99 -1.01 18.82
CA HIS A 80 23.72 -1.67 19.12
C HIS A 80 22.72 -0.66 19.67
N LEU A 81 21.48 -1.11 19.82
CA LEU A 81 20.40 -0.30 20.39
C LEU A 81 19.76 -1.12 21.51
N ARG A 82 19.95 -0.67 22.75
CA ARG A 82 19.52 -1.46 23.91
C ARG A 82 18.03 -1.78 23.85
N LYS A 83 17.20 -0.82 23.39
CA LYS A 83 15.76 -1.02 23.35
C LYS A 83 15.35 -2.29 22.62
N LEU A 84 16.19 -2.76 21.70
CA LEU A 84 15.92 -4.00 20.99
C LEU A 84 15.76 -5.17 21.97
N ASP A 85 16.54 -5.19 23.04
CA ASP A 85 16.54 -6.30 23.97
C ASP A 85 15.29 -6.37 24.83
N HIS A 86 14.42 -5.36 24.75
CA HIS A 86 13.22 -5.31 25.59
C HIS A 86 11.93 -5.39 24.77
N ILE A 87 12.04 -5.66 23.47
CA ILE A 87 10.84 -5.82 22.64
C ILE A 87 10.08 -7.05 23.14
N SER A 88 8.76 -6.90 23.28
CA SER A 88 7.96 -7.96 23.87
C SER A 88 8.08 -9.26 23.09
N GLU A 89 8.03 -10.37 23.84
CA GLU A 89 8.07 -11.71 23.25
C GLU A 89 6.86 -11.97 22.36
N SER A 90 5.80 -11.16 22.48
CA SER A 90 4.62 -11.36 21.66
C SER A 90 4.82 -10.93 20.21
N VAL A 91 5.84 -10.13 19.92
CA VAL A 91 5.88 -9.42 18.65
C VAL A 91 6.03 -10.40 17.48
N PRO A 92 6.91 -11.40 17.52
CA PRO A 92 6.98 -12.34 16.38
C PRO A 92 5.64 -13.01 16.09
N VAL A 93 4.89 -13.34 17.14
CA VAL A 93 3.60 -14.00 16.96
C VAL A 93 2.58 -13.01 16.38
N LEU A 94 2.57 -11.78 16.89
CA LEU A 94 1.67 -10.78 16.34
C LEU A 94 1.99 -10.51 14.87
N GLU A 95 3.27 -10.52 14.50
CA GLU A 95 3.63 -10.37 13.10
C GLU A 95 3.12 -11.56 12.30
N LEU A 96 3.33 -12.78 12.81
CA LEU A 96 2.86 -13.99 12.15
C LEU A 96 1.38 -13.88 11.85
N PHE A 97 0.59 -13.49 12.85
CA PHE A 97 -0.85 -13.41 12.73
C PHE A 97 -1.29 -12.27 11.81
N SER A 98 -0.69 -11.08 11.93
N SER A 98 -0.66 -11.09 11.95
CA SER A 98 -1.13 -9.97 11.08
CA SER A 98 -1.00 -9.94 11.14
C SER A 98 -0.64 -10.08 9.65
C SER A 98 -0.68 -10.13 9.66
N ASN A 99 0.17 -11.08 9.32
CA ASN A 99 0.47 -11.36 7.92
C ASN A 99 -0.60 -12.23 7.25
N ILE A 100 -1.65 -12.59 7.99
CA ILE A 100 -2.87 -13.14 7.39
C ILE A 100 -3.66 -11.99 6.79
N TRP A 101 -3.95 -12.08 5.50
CA TRP A 101 -4.75 -11.05 4.85
C TRP A 101 -6.13 -10.99 5.52
N GLY A 102 -6.53 -9.80 5.95
CA GLY A 102 -7.80 -9.62 6.63
C GLY A 102 -7.70 -9.57 8.14
N ALA A 103 -6.54 -9.88 8.70
CA ALA A 103 -6.24 -9.76 10.11
C ALA A 103 -5.24 -8.63 10.28
N GLY A 104 -5.55 -7.67 11.13
CA GLY A 104 -4.64 -6.61 11.49
C GLY A 104 -4.22 -6.70 12.94
N THR A 105 -3.77 -5.57 13.48
CA THR A 105 -3.23 -5.57 14.84
C THR A 105 -4.29 -5.95 15.88
N LYS A 106 -5.53 -5.50 15.74
CA LYS A 106 -6.52 -5.80 16.78
C LYS A 106 -6.84 -7.30 16.81
N THR A 107 -7.00 -7.92 15.64
CA THR A 107 -7.27 -9.34 15.59
C THR A 107 -6.06 -10.15 16.07
N ALA A 108 -4.86 -9.76 15.66
CA ALA A 108 -3.66 -10.44 16.13
C ALA A 108 -3.57 -10.37 17.66
N GLN A 109 -3.78 -9.19 18.25
CA GLN A 109 -3.71 -9.03 19.70
CA GLN A 109 -3.70 -9.06 19.70
C GLN A 109 -4.76 -9.90 20.38
N MET A 110 -5.96 -9.96 19.81
N MET A 110 -5.97 -9.96 19.81
CA MET A 110 -7.02 -10.74 20.41
CA MET A 110 -7.02 -10.74 20.43
C MET A 110 -6.69 -12.22 20.39
C MET A 110 -6.68 -12.23 20.40
N TRP A 111 -6.25 -12.72 19.24
CA TRP A 111 -5.81 -14.11 19.15
C TRP A 111 -4.69 -14.39 20.14
N TYR A 112 -3.73 -13.47 20.25
CA TYR A 112 -2.65 -13.64 21.22
C TYR A 112 -3.20 -13.73 22.65
N GLN A 113 -4.06 -12.77 23.03
CA GLN A 113 -4.62 -12.82 24.37
CA GLN A 113 -4.65 -12.79 24.36
C GLN A 113 -5.41 -14.10 24.60
N GLN A 114 -6.04 -14.64 23.56
CA GLN A 114 -6.78 -15.88 23.71
C GLN A 114 -5.87 -17.11 23.82
N GLY A 115 -4.54 -16.93 23.74
CA GLY A 115 -3.61 -18.01 23.92
C GLY A 115 -3.05 -18.61 22.65
N PHE A 116 -3.38 -18.09 21.48
CA PHE A 116 -2.88 -18.68 20.25
C PHE A 116 -1.48 -18.19 19.97
N ARG A 117 -0.66 -19.08 19.43
CA ARG A 117 0.76 -18.84 19.25
C ARG A 117 1.28 -19.25 17.89
N SER A 118 0.52 -20.01 17.10
CA SER A 118 0.98 -20.59 15.85
C SER A 118 -0.18 -20.53 14.85
N LEU A 119 0.13 -20.62 13.56
CA LEU A 119 -0.95 -20.74 12.59
C LEU A 119 -1.73 -22.02 12.78
N GLU A 120 -1.10 -23.08 13.29
CA GLU A 120 -1.86 -24.29 13.59
C GLU A 120 -2.94 -24.01 14.63
N ASP A 121 -2.61 -23.19 15.64
CA ASP A 121 -3.60 -22.74 16.61
C ASP A 121 -4.74 -21.98 15.93
N ILE A 122 -4.38 -21.06 15.01
CA ILE A 122 -5.40 -20.31 14.27
C ILE A 122 -6.25 -21.26 13.45
N ARG A 123 -5.62 -22.10 12.62
CA ARG A 123 -6.33 -23.07 11.80
C ARG A 123 -7.33 -23.87 12.61
N SER A 124 -6.88 -24.45 13.73
CA SER A 124 -7.72 -25.39 14.43
C SER A 124 -8.68 -24.75 15.43
N GLN A 125 -8.39 -23.55 15.95
CA GLN A 125 -9.18 -23.01 17.05
C GLN A 125 -9.75 -21.60 16.83
N ALA A 126 -9.22 -20.81 15.91
CA ALA A 126 -9.69 -19.44 15.78
C ALA A 126 -10.97 -19.37 14.97
N SER A 127 -11.81 -18.37 15.26
CA SER A 127 -12.90 -18.03 14.36
C SER A 127 -12.32 -17.05 13.34
N LEU A 128 -12.45 -17.40 12.07
CA LEU A 128 -11.89 -16.60 10.99
C LEU A 128 -13.01 -15.97 10.20
N THR A 129 -12.83 -14.71 9.84
CA THR A 129 -13.73 -14.15 8.87
C THR A 129 -13.54 -14.88 7.54
N THR A 130 -14.53 -14.72 6.66
CA THR A 130 -14.39 -15.25 5.31
C THR A 130 -13.09 -14.81 4.66
N GLN A 131 -12.71 -13.52 4.79
CA GLN A 131 -11.48 -13.04 4.19
C GLN A 131 -10.25 -13.69 4.80
N GLN A 132 -10.24 -13.80 6.14
CA GLN A 132 -9.08 -14.33 6.83
C GLN A 132 -8.84 -15.79 6.52
N ALA A 133 -9.91 -16.57 6.33
CA ALA A 133 -9.74 -17.97 5.94
C ALA A 133 -9.07 -18.07 4.58
N ILE A 134 -9.41 -17.18 3.65
CA ILE A 134 -8.75 -17.14 2.35
C ILE A 134 -7.29 -16.71 2.53
N GLY A 135 -7.07 -15.66 3.32
CA GLY A 135 -5.70 -15.25 3.61
C GLY A 135 -4.87 -16.36 4.20
N LEU A 136 -5.46 -17.13 5.12
CA LEU A 136 -4.69 -18.20 5.76
C LEU A 136 -4.31 -19.25 4.75
N LYS A 137 -5.28 -19.63 3.89
CA LYS A 137 -5.09 -20.63 2.85
C LYS A 137 -3.94 -20.30 1.93
N HIS A 138 -3.68 -19.00 1.73
CA HIS A 138 -2.66 -18.50 0.82
C HIS A 138 -1.52 -17.80 1.56
N TYR A 139 -1.31 -18.19 2.81
CA TYR A 139 -0.40 -17.44 3.67
C TYR A 139 0.97 -17.28 3.04
N SER A 140 1.58 -18.39 2.60
CA SER A 140 2.91 -18.29 2.01
C SER A 140 2.88 -17.54 0.69
N ASP A 141 1.91 -17.86 -0.17
CA ASP A 141 1.89 -17.24 -1.50
C ASP A 141 1.77 -15.73 -1.40
N PHE A 142 0.93 -15.24 -0.51
CA PHE A 142 0.69 -13.80 -0.40
C PHE A 142 1.88 -13.06 0.19
N LEU A 143 2.82 -13.75 0.82
CA LEU A 143 4.05 -13.11 1.24
C LEU A 143 5.13 -13.10 0.16
N GLU A 144 4.88 -13.72 -1.00
CA GLU A 144 5.85 -13.76 -2.07
C GLU A 144 5.59 -12.60 -3.03
N ARG A 145 6.66 -12.02 -3.57
CA ARG A 145 6.53 -11.11 -4.69
C ARG A 145 6.69 -11.91 -5.98
N MET A 146 6.08 -11.45 -7.01
CA MET A 146 6.18 -12.12 -8.31
C MET A 146 7.09 -11.37 -9.26
N PRO A 147 7.69 -12.07 -10.23
CA PRO A 147 8.40 -11.36 -11.32
C PRO A 147 7.45 -10.43 -12.05
N ARG A 148 7.96 -9.28 -12.48
CA ARG A 148 7.07 -8.35 -13.17
C ARG A 148 6.58 -8.95 -14.49
N GLU A 149 7.32 -9.88 -15.08
CA GLU A 149 6.84 -10.59 -16.26
C GLU A 149 5.52 -11.29 -15.98
N GLU A 150 5.33 -11.78 -14.74
CA GLU A 150 4.09 -12.46 -14.40
C GLU A 150 2.97 -11.47 -14.18
N ALA A 151 3.28 -10.32 -13.57
CA ALA A 151 2.31 -9.25 -13.47
C ALA A 151 1.83 -8.85 -14.86
N THR A 152 2.73 -8.85 -15.84
CA THR A 152 2.29 -8.56 -17.20
C THR A 152 1.26 -9.57 -17.67
N GLU A 153 1.49 -10.85 -17.42
CA GLU A 153 0.53 -11.86 -17.87
C GLU A 153 -0.81 -11.68 -17.19
N ILE A 154 -0.80 -11.34 -15.90
CA ILE A 154 -2.05 -11.15 -15.18
C ILE A 154 -2.79 -9.92 -15.70
N GLU A 155 -2.08 -8.81 -15.89
CA GLU A 155 -2.71 -7.63 -16.48
C GLU A 155 -3.30 -7.95 -17.85
N GLN A 156 -2.56 -8.70 -18.67
CA GLN A 156 -3.05 -9.03 -20.00
C GLN A 156 -4.28 -9.93 -19.93
N THR A 157 -4.32 -10.84 -18.96
CA THR A 157 -5.50 -11.68 -18.77
C THR A 157 -6.74 -10.84 -18.48
N VAL A 158 -6.60 -9.85 -17.60
CA VAL A 158 -7.73 -9.00 -17.27
C VAL A 158 -8.13 -8.17 -18.48
N GLN A 159 -7.17 -7.57 -19.16
CA GLN A 159 -7.46 -6.72 -20.31
C GLN A 159 -8.18 -7.52 -21.40
N LYS A 160 -7.72 -8.72 -21.71
CA LYS A 160 -8.38 -9.48 -22.76
C LYS A 160 -9.81 -9.84 -22.36
N ALA A 161 -10.01 -10.17 -21.08
CA ALA A 161 -11.38 -10.46 -20.66
C ALA A 161 -12.26 -9.20 -20.71
N ALA A 162 -11.71 -8.05 -20.31
CA ALA A 162 -12.47 -6.82 -20.38
C ALA A 162 -12.77 -6.42 -21.83
N GLN A 163 -11.74 -6.43 -22.68
CA GLN A 163 -11.95 -5.99 -24.06
C GLN A 163 -12.95 -6.87 -24.79
N ALA A 164 -13.03 -8.16 -24.43
CA ALA A 164 -13.98 -9.06 -25.07
C ALA A 164 -15.40 -8.50 -25.02
N PHE A 165 -15.78 -7.93 -23.87
CA PHE A 165 -17.12 -7.37 -23.71
C PHE A 165 -17.25 -6.05 -24.45
N ASN A 166 -16.32 -5.12 -24.21
CA ASN A 166 -16.31 -3.83 -24.87
C ASN A 166 -14.88 -3.54 -25.30
N SER A 167 -14.66 -3.60 -26.61
CA SER A 167 -13.41 -3.23 -27.26
C SER A 167 -12.77 -1.98 -26.68
N GLY A 168 -13.60 -1.00 -26.31
CA GLY A 168 -13.10 0.31 -25.95
C GLY A 168 -12.56 0.45 -24.54
N LEU A 169 -12.71 -0.56 -23.68
CA LEU A 169 -12.26 -0.44 -22.31
C LEU A 169 -10.74 -0.36 -22.25
N LEU A 170 -10.25 0.58 -21.46
CA LEU A 170 -8.81 0.79 -21.22
C LEU A 170 -8.46 0.18 -19.87
N CYS A 171 -7.42 -0.65 -19.86
CA CYS A 171 -6.95 -1.32 -18.64
C CYS A 171 -5.46 -1.09 -18.47
N VAL A 172 -5.06 -0.71 -17.26
CA VAL A 172 -3.68 -0.35 -16.98
C VAL A 172 -3.28 -0.94 -15.64
N ALA A 173 -2.19 -1.70 -15.63
CA ALA A 173 -1.58 -2.14 -14.38
C ALA A 173 -0.80 -0.99 -13.77
N CYS A 174 -1.13 -0.68 -12.52
CA CYS A 174 -0.58 0.45 -11.79
C CYS A 174 0.35 -0.11 -10.71
N GLY A 175 0.28 0.46 -9.51
CA GLY A 175 1.11 0.02 -8.41
C GLY A 175 2.57 -0.07 -8.75
N SER A 176 3.25 -1.01 -8.08
CA SER A 176 4.67 -1.21 -8.30
C SER A 176 4.97 -1.58 -9.74
N TYR A 177 4.02 -2.20 -10.43
CA TYR A 177 4.23 -2.55 -11.84
C TYR A 177 4.52 -1.29 -12.65
N ARG A 178 3.61 -0.32 -12.58
CA ARG A 178 3.75 0.90 -13.34
C ARG A 178 4.91 1.76 -12.85
N ARG A 179 5.28 1.63 -11.57
CA ARG A 179 6.50 2.30 -11.12
C ARG A 179 7.76 1.61 -11.60
N GLY A 180 7.66 0.51 -12.37
CA GLY A 180 8.81 -0.11 -13.00
C GLY A 180 9.59 -1.13 -12.18
N LYS A 181 9.02 -1.62 -11.08
CA LYS A 181 9.80 -2.50 -10.21
C LYS A 181 10.00 -3.86 -10.85
N ALA A 182 11.10 -4.53 -10.45
CA ALA A 182 11.43 -5.84 -11.01
C ALA A 182 10.50 -6.93 -10.51
N THR A 183 9.91 -6.74 -9.34
CA THR A 183 8.96 -7.68 -8.74
C THR A 183 7.79 -6.89 -8.17
N CYS A 184 6.66 -7.58 -8.06
CA CYS A 184 5.40 -6.99 -7.62
C CYS A 184 4.73 -7.83 -6.55
N GLY A 185 4.27 -7.17 -5.48
CA GLY A 185 3.58 -7.88 -4.42
C GLY A 185 2.22 -8.38 -4.86
N ASP A 186 1.53 -7.61 -5.69
N ASP A 186 1.65 -7.75 -5.86
CA ASP A 186 0.26 -8.00 -6.29
CA ASP A 186 0.28 -7.99 -6.30
C ASP A 186 0.16 -7.30 -7.63
C ASP A 186 0.15 -7.26 -7.63
N VAL A 187 -1.01 -7.39 -8.25
CA VAL A 187 -1.29 -6.71 -9.51
C VAL A 187 -2.48 -5.79 -9.29
N ASP A 188 -2.33 -4.54 -9.72
CA ASP A 188 -3.31 -3.46 -9.52
C ASP A 188 -3.76 -2.96 -10.88
N VAL A 189 -4.99 -3.31 -11.30
CA VAL A 189 -5.48 -2.99 -12.63
C VAL A 189 -6.59 -1.95 -12.53
N LEU A 190 -6.40 -0.83 -13.25
CA LEU A 190 -7.37 0.24 -13.36
C LEU A 190 -8.11 0.10 -14.68
N ILE A 191 -9.42 0.24 -14.64
CA ILE A 191 -10.25 0.10 -15.84
C ILE A 191 -11.14 1.33 -15.98
N THR A 192 -11.24 1.85 -17.19
CA THR A 192 -12.14 2.96 -17.46
C THR A 192 -12.57 2.87 -18.91
N HIS A 193 -13.33 3.88 -19.36
CA HIS A 193 -13.78 3.98 -20.76
C HIS A 193 -13.86 5.43 -21.21
N PRO A 194 -13.21 5.79 -22.32
CA PRO A 194 -13.21 7.21 -22.72
C PRO A 194 -14.59 7.78 -22.99
N ASP A 195 -15.57 6.96 -23.37
CA ASP A 195 -16.93 7.46 -23.55
C ASP A 195 -17.52 8.02 -22.26
N GLY A 196 -16.90 7.75 -21.12
CA GLY A 196 -17.40 8.29 -19.86
C GLY A 196 -18.66 7.65 -19.34
N ARG A 197 -19.09 6.52 -19.93
CA ARG A 197 -20.34 5.88 -19.53
C ARG A 197 -20.23 4.37 -19.50
N SER A 198 -19.47 3.79 -20.45
CA SER A 198 -19.44 2.36 -20.71
C SER A 198 -18.76 1.54 -19.62
N HIS A 199 -18.19 2.18 -18.61
CA HIS A 199 -17.56 1.46 -17.52
C HIS A 199 -18.57 0.88 -16.53
N ARG A 200 -19.83 1.28 -16.59
CA ARG A 200 -20.75 0.96 -15.50
C ARG A 200 -21.31 -0.46 -15.63
N GLY A 201 -21.39 -1.15 -14.49
CA GLY A 201 -21.97 -2.47 -14.44
C GLY A 201 -21.15 -3.57 -15.07
N ILE A 202 -19.86 -3.33 -15.33
CA ILE A 202 -19.06 -4.35 -16.01
C ILE A 202 -18.57 -5.44 -15.06
N PHE A 203 -18.53 -5.18 -13.76
CA PHE A 203 -17.91 -6.12 -12.82
C PHE A 203 -18.57 -7.49 -12.90
N SER A 204 -19.90 -7.52 -12.91
CA SER A 204 -20.61 -8.79 -13.01
C SER A 204 -20.03 -9.64 -14.13
N ARG A 205 -20.05 -9.11 -15.35
CA ARG A 205 -19.64 -9.89 -16.50
C ARG A 205 -18.14 -10.16 -16.48
N LEU A 206 -17.33 -9.13 -16.20
CA LEU A 206 -15.88 -9.30 -16.22
C LEU A 206 -15.45 -10.36 -15.21
N LEU A 207 -15.94 -10.26 -13.98
CA LEU A 207 -15.53 -11.22 -12.96
C LEU A 207 -16.03 -12.62 -13.30
N ASP A 208 -17.27 -12.74 -13.78
CA ASP A 208 -17.77 -14.04 -14.22
C ASP A 208 -16.88 -14.59 -15.33
N SER A 209 -16.47 -13.75 -16.27
CA SER A 209 -15.59 -14.21 -17.33
C SER A 209 -14.29 -14.74 -16.75
N LEU A 210 -13.71 -14.01 -15.79
CA LEU A 210 -12.44 -14.43 -15.21
C LEU A 210 -12.56 -15.69 -14.36
N ARG A 211 -13.75 -16.00 -13.82
CA ARG A 211 -13.92 -17.28 -13.15
C ARG A 211 -14.09 -18.44 -14.12
N GLN A 212 -14.65 -18.15 -15.31
CA GLN A 212 -15.02 -19.18 -16.27
C GLN A 212 -14.00 -20.31 -16.36
N GLU A 213 -12.79 -20.00 -16.80
CA GLU A 213 -11.78 -21.04 -16.97
C GLU A 213 -10.78 -21.07 -15.82
N GLY A 214 -11.13 -20.51 -14.67
CA GLY A 214 -10.42 -20.78 -13.44
C GLY A 214 -9.37 -19.79 -13.01
N PHE A 215 -9.27 -18.63 -13.67
CA PHE A 215 -8.26 -17.64 -13.34
C PHE A 215 -8.50 -17.03 -11.96
N LEU A 216 -9.72 -16.55 -11.70
CA LEU A 216 -10.06 -16.00 -10.39
C LEU A 216 -10.41 -17.14 -9.45
N THR A 217 -9.69 -17.26 -8.34
CA THR A 217 -9.89 -18.39 -7.46
C THR A 217 -10.64 -18.05 -6.18
N ASP A 218 -10.56 -16.81 -5.73
N ASP A 218 -10.60 -16.80 -5.74
CA ASP A 218 -11.26 -16.37 -4.53
CA ASP A 218 -11.34 -16.40 -4.56
C ASP A 218 -11.56 -14.88 -4.65
C ASP A 218 -11.49 -14.89 -4.53
N ASP A 219 -12.59 -14.45 -3.94
CA ASP A 219 -12.95 -13.03 -3.85
C ASP A 219 -12.82 -12.58 -2.41
N LEU A 220 -12.13 -11.46 -2.19
CA LEU A 220 -11.99 -10.89 -0.87
C LEU A 220 -12.89 -9.68 -0.66
N VAL A 221 -12.99 -8.83 -1.68
CA VAL A 221 -13.82 -7.63 -1.67
C VAL A 221 -14.49 -7.52 -3.04
N LYS A 222 -15.79 -7.20 -3.05
CA LYS A 222 -16.55 -7.09 -4.30
C LYS A 222 -17.43 -5.85 -4.15
N GLY A 223 -16.86 -4.67 -4.38
CA GLY A 223 -17.59 -3.43 -4.30
C GLY A 223 -18.05 -2.96 -5.67
N GLU A 224 -18.80 -1.87 -5.67
CA GLU A 224 -19.28 -1.35 -6.95
C GLU A 224 -18.13 -0.78 -7.76
N THR A 225 -17.09 -0.27 -7.10
CA THR A 225 -15.93 0.29 -7.81
C THR A 225 -14.65 -0.52 -7.66
N LYS A 226 -14.48 -1.26 -6.55
CA LYS A 226 -13.25 -1.99 -6.27
C LYS A 226 -13.48 -3.50 -6.12
N TYR A 227 -12.62 -4.27 -6.76
CA TYR A 227 -12.55 -5.71 -6.55
C TYR A 227 -11.15 -6.02 -5.99
N LEU A 228 -11.10 -6.83 -4.93
N LEU A 228 -11.10 -6.87 -4.96
CA LEU A 228 -9.86 -7.40 -4.43
CA LEU A 228 -9.85 -7.40 -4.45
C LEU A 228 -10.05 -8.91 -4.35
C LEU A 228 -10.03 -8.91 -4.33
N GLY A 229 -9.15 -9.65 -4.93
CA GLY A 229 -9.24 -11.10 -4.92
C GLY A 229 -7.96 -11.78 -5.18
N VAL A 230 -8.09 -13.00 -5.72
CA VAL A 230 -7.02 -13.96 -5.83
C VAL A 230 -7.12 -14.59 -7.21
N CYS A 231 -6.00 -14.71 -7.89
CA CYS A 231 -5.95 -15.34 -9.19
C CYS A 231 -4.75 -16.26 -9.25
N ARG A 232 -4.75 -17.10 -10.28
CA ARG A 232 -3.63 -17.98 -10.55
C ARG A 232 -3.64 -18.30 -12.04
N LEU A 233 -2.51 -18.05 -12.70
CA LEU A 233 -2.42 -18.34 -14.11
C LEU A 233 -2.39 -19.86 -14.31
N PRO A 234 -2.73 -20.34 -15.51
CA PRO A 234 -2.77 -21.78 -15.75
C PRO A 234 -1.39 -22.41 -15.91
N GLY A 235 -1.36 -23.73 -15.75
CA GLY A 235 -0.16 -24.51 -15.96
C GLY A 235 0.58 -24.78 -14.67
N PRO A 236 1.70 -25.50 -14.77
CA PRO A 236 2.44 -25.88 -13.56
C PRO A 236 3.31 -24.73 -13.07
N GLY A 237 3.79 -24.87 -11.85
CA GLY A 237 4.70 -23.88 -11.31
C GLY A 237 4.09 -22.53 -11.03
N ARG A 238 2.78 -22.44 -10.88
CA ARG A 238 2.12 -21.16 -10.65
C ARG A 238 1.63 -21.09 -9.21
N ARG A 239 1.76 -19.90 -8.63
CA ARG A 239 1.28 -19.58 -7.30
C ARG A 239 0.06 -18.68 -7.42
N HIS A 240 -0.71 -18.65 -6.35
CA HIS A 240 -1.83 -17.71 -6.26
C HIS A 240 -1.30 -16.32 -6.00
N ARG A 241 -1.88 -15.34 -6.69
CA ARG A 241 -1.48 -13.95 -6.57
C ARG A 241 -2.68 -13.10 -6.24
N ARG A 242 -2.43 -12.03 -5.48
CA ARG A 242 -3.44 -11.03 -5.19
C ARG A 242 -3.65 -10.14 -6.41
N LEU A 243 -4.92 -9.90 -6.73
CA LEU A 243 -5.32 -9.07 -7.84
C LEU A 243 -6.32 -8.04 -7.34
N ASP A 244 -6.05 -6.76 -7.58
CA ASP A 244 -6.98 -5.69 -7.31
C ASP A 244 -7.43 -5.09 -8.63
N ILE A 245 -8.72 -4.80 -8.76
CA ILE A 245 -9.26 -4.14 -9.93
C ILE A 245 -10.10 -2.98 -9.48
N ILE A 246 -9.97 -1.83 -10.13
CA ILE A 246 -10.81 -0.67 -9.86
C ILE A 246 -11.35 -0.18 -11.20
N VAL A 247 -12.63 0.15 -11.21
CA VAL A 247 -13.35 0.64 -12.37
C VAL A 247 -13.79 2.04 -12.04
N VAL A 248 -13.37 3.01 -12.85
CA VAL A 248 -13.61 4.42 -12.52
C VAL A 248 -14.16 5.13 -13.76
N PRO A 249 -14.92 6.19 -13.58
CA PRO A 249 -15.34 7.00 -14.73
C PRO A 249 -14.17 7.76 -15.33
N TYR A 250 -14.26 8.02 -16.65
CA TYR A 250 -13.14 8.64 -17.33
C TYR A 250 -12.78 9.99 -16.73
N SER A 251 -13.76 10.73 -16.21
CA SER A 251 -13.47 12.05 -15.66
C SER A 251 -12.54 11.99 -14.47
N GLU A 252 -12.43 10.82 -13.83
CA GLU A 252 -11.56 10.66 -12.68
C GLU A 252 -10.28 9.91 -13.04
N PHE A 253 -10.06 9.64 -14.33
CA PHE A 253 -8.99 8.75 -14.74
C PHE A 253 -7.64 9.21 -14.18
N ALA A 254 -7.29 10.48 -14.37
CA ALA A 254 -5.97 10.94 -13.96
C ALA A 254 -5.75 10.76 -12.46
N CYS A 255 -6.72 11.16 -11.65
CA CYS A 255 -6.53 11.04 -10.20
C CYS A 255 -6.54 9.59 -9.76
N ALA A 256 -7.36 8.75 -10.42
CA ALA A 256 -7.36 7.33 -10.11
C ALA A 256 -6.02 6.70 -10.46
N LEU A 257 -5.48 7.04 -11.63
CA LEU A 257 -4.17 6.59 -12.06
C LEU A 257 -3.10 7.03 -11.07
N LEU A 258 -3.12 8.30 -10.70
CA LEU A 258 -2.16 8.80 -9.73
C LEU A 258 -2.27 8.05 -8.41
N TYR A 259 -3.48 7.92 -7.88
CA TYR A 259 -3.65 7.20 -6.63
C TYR A 259 -3.12 5.77 -6.75
N PHE A 260 -3.61 5.05 -7.75
CA PHE A 260 -3.31 3.63 -7.90
C PHE A 260 -1.86 3.27 -8.25
N THR A 261 -1.14 4.24 -8.80
CA THR A 261 0.27 4.06 -9.09
C THR A 261 1.14 4.29 -7.85
N GLY A 262 0.71 5.16 -6.94
CA GLY A 262 1.46 5.40 -5.71
C GLY A 262 2.84 5.95 -5.98
N SER A 263 3.80 5.64 -5.10
CA SER A 263 3.65 4.74 -3.96
C SER A 263 2.71 5.26 -2.86
N ALA A 264 2.45 4.46 -1.83
CA ALA A 264 1.61 4.92 -0.74
C ALA A 264 2.19 6.16 -0.06
N HIS A 265 3.49 6.11 0.26
CA HIS A 265 4.12 7.26 0.93
C HIS A 265 4.12 8.48 0.01
N PHE A 266 4.31 8.25 -1.29
CA PHE A 266 4.20 9.35 -2.25
C PHE A 266 2.80 9.96 -2.22
N ASN A 267 1.77 9.11 -2.21
CA ASN A 267 0.40 9.63 -2.19
C ASN A 267 0.15 10.45 -0.93
N ARG A 268 0.58 9.93 0.23
CA ARG A 268 0.36 10.64 1.48
C ARG A 268 1.10 11.97 1.48
N SER A 269 2.29 12.02 0.89
N SER A 269 2.29 12.02 0.87
CA SER A 269 3.03 13.29 0.84
CA SER A 269 3.06 13.26 0.81
C SER A 269 2.35 14.28 -0.09
C SER A 269 2.41 14.27 -0.11
N MET A 270 1.87 13.81 -1.24
CA MET A 270 1.19 14.71 -2.17
C MET A 270 -0.11 15.23 -1.58
N ARG A 271 -0.86 14.35 -0.91
CA ARG A 271 -2.11 14.77 -0.29
C ARG A 271 -1.86 15.73 0.87
N ALA A 272 -0.84 15.47 1.69
CA ALA A 272 -0.47 16.43 2.72
C ALA A 272 -0.13 17.79 2.09
N LEU A 273 0.63 17.78 1.00
CA LEU A 273 0.96 19.04 0.34
C LEU A 273 -0.31 19.76 -0.10
N ALA A 274 -1.24 19.03 -0.70
CA ALA A 274 -2.47 19.63 -1.17
C ALA A 274 -3.22 20.27 -0.01
N LYS A 275 -3.23 19.61 1.14
CA LYS A 275 -3.95 20.16 2.28
C LYS A 275 -3.33 21.49 2.72
N THR A 276 -1.99 21.59 2.70
CA THR A 276 -1.39 22.86 3.09
C THR A 276 -1.85 24.01 2.19
N LYS A 277 -2.15 23.70 0.93
CA LYS A 277 -2.50 24.71 -0.06
C LYS A 277 -4.00 24.95 -0.17
N GLY A 278 -4.76 24.51 0.84
CA GLY A 278 -6.21 24.68 0.79
C GLY A 278 -6.90 23.80 -0.21
N MET A 279 -6.28 22.68 -0.58
N MET A 279 -6.32 22.65 -0.51
CA MET A 279 -6.83 21.77 -1.57
CA MET A 279 -6.85 21.76 -1.54
C MET A 279 -7.02 20.39 -0.94
C MET A 279 -6.97 20.36 -0.95
N SER A 280 -7.59 19.48 -1.71
CA SER A 280 -7.76 18.10 -1.27
C SER A 280 -7.59 17.19 -2.46
N LEU A 281 -6.79 16.14 -2.30
CA LEU A 281 -6.55 15.21 -3.38
C LEU A 281 -6.94 13.81 -2.96
N SER A 282 -7.77 13.19 -3.80
CA SER A 282 -8.19 11.82 -3.60
C SER A 282 -8.10 11.08 -4.94
N GLU A 283 -8.45 9.80 -4.87
CA GLU A 283 -8.62 8.95 -6.04
C GLU A 283 -9.67 9.49 -7.02
N HIS A 284 -10.59 10.33 -6.55
CA HIS A 284 -11.67 10.85 -7.37
C HIS A 284 -11.31 12.16 -8.06
N ALA A 285 -10.55 13.03 -7.39
CA ALA A 285 -10.41 14.38 -7.90
C ALA A 285 -9.44 15.17 -7.05
N LEU A 286 -8.89 16.21 -7.66
CA LEU A 286 -8.22 17.30 -6.96
C LEU A 286 -9.22 18.44 -6.79
N SER A 287 -9.44 18.85 -5.54
CA SER A 287 -10.38 19.90 -5.21
C SER A 287 -9.67 21.08 -4.56
N THR A 288 -10.18 22.30 -4.84
CA THR A 288 -9.68 23.56 -4.30
C THR A 288 -10.81 24.31 -3.59
N ALA A 289 -10.42 25.25 -2.74
CA ALA A 289 -11.37 25.90 -1.84
C ALA A 289 -11.96 24.91 -0.84
N VAL A 290 -11.16 23.89 -0.49
CA VAL A 290 -11.56 22.93 0.54
C VAL A 290 -11.65 23.66 1.88
N VAL A 291 -12.84 23.68 2.46
CA VAL A 291 -13.03 24.31 3.77
C VAL A 291 -12.86 23.24 4.84
N ARG A 292 -11.94 23.47 5.78
CA ARG A 292 -11.62 22.53 6.84
C ARG A 292 -11.85 23.17 8.21
N ASN A 293 -11.77 22.35 9.25
CA ASN A 293 -11.84 22.80 10.64
C ASN A 293 -10.43 22.81 11.24
N THR A 294 -10.36 23.09 12.55
CA THR A 294 -9.07 23.07 13.26
C THR A 294 -8.52 21.67 13.43
N HIS A 295 -9.37 20.65 13.29
CA HIS A 295 -8.98 19.23 13.35
C HIS A 295 -8.35 18.72 12.06
N GLY A 296 -8.09 19.60 11.10
CA GLY A 296 -7.65 19.19 9.78
C GLY A 296 -8.71 18.54 8.92
N ALA A 297 -9.86 18.19 9.47
CA ALA A 297 -10.89 17.44 8.75
C ALA A 297 -11.78 18.38 7.92
N LYS A 298 -12.27 17.84 6.80
CA LYS A 298 -13.15 18.58 5.90
C LYS A 298 -14.50 18.75 6.58
N VAL A 299 -15.02 19.93 6.69
CA VAL A 299 -16.41 20.16 6.98
C VAL A 299 -17.17 20.81 5.82
N GLY A 300 -16.47 21.38 4.87
CA GLY A 300 -17.14 21.96 3.73
C GLY A 300 -16.46 21.59 2.42
N PRO A 301 -17.25 21.28 1.38
CA PRO A 301 -16.66 20.80 0.13
C PRO A 301 -16.25 21.93 -0.79
N GLY A 302 -15.19 21.69 -1.54
CA GLY A 302 -14.66 22.66 -2.45
C GLY A 302 -15.13 22.46 -3.87
N ARG A 303 -14.33 22.95 -4.80
CA ARG A 303 -14.59 22.80 -6.22
C ARG A 303 -13.63 21.76 -6.78
N VAL A 304 -14.17 20.81 -7.55
CA VAL A 304 -13.31 19.93 -8.32
C VAL A 304 -12.58 20.72 -9.39
N LEU A 305 -11.27 20.57 -9.45
CA LEU A 305 -10.47 21.15 -10.52
C LEU A 305 -10.34 20.18 -11.68
N PRO A 306 -10.30 20.69 -12.90
CA PRO A 306 -10.15 19.80 -14.07
C PRO A 306 -8.74 19.22 -14.15
N THR A 307 -8.65 17.89 -14.18
CA THR A 307 -7.39 17.18 -14.17
C THR A 307 -7.43 16.12 -15.28
N PRO A 308 -7.29 16.52 -16.54
N PRO A 308 -7.31 16.53 -16.53
CA PRO A 308 -7.33 15.52 -17.62
CA PRO A 308 -7.30 15.55 -17.63
C PRO A 308 -6.14 14.57 -17.61
C PRO A 308 -6.16 14.55 -17.56
N THR A 309 -4.98 14.99 -17.09
CA THR A 309 -3.79 14.15 -17.08
C THR A 309 -3.15 14.20 -15.70
N GLU A 310 -2.30 13.21 -15.41
CA GLU A 310 -1.52 13.26 -14.18
C GLU A 310 -0.70 14.57 -14.11
N LYS A 311 -0.11 14.98 -15.23
CA LYS A 311 0.68 16.22 -15.23
C LYS A 311 -0.13 17.39 -14.70
N ASP A 312 -1.44 17.41 -14.97
CA ASP A 312 -2.26 18.52 -14.51
C ASP A 312 -2.34 18.57 -12.98
N VAL A 313 -2.37 17.41 -12.33
CA VAL A 313 -2.42 17.37 -10.87
C VAL A 313 -1.15 17.97 -10.29
N PHE A 314 0.00 17.58 -10.82
CA PHE A 314 1.27 18.15 -10.38
C PHE A 314 1.25 19.66 -10.58
N ARG A 315 0.87 20.11 -11.78
CA ARG A 315 0.90 21.52 -12.11
C ARG A 315 0.04 22.32 -11.15
N LEU A 316 -1.20 21.87 -10.92
CA LEU A 316 -2.09 22.63 -10.05
C LEU A 316 -1.57 22.70 -8.62
N LEU A 317 -0.76 21.73 -8.21
CA LEU A 317 -0.13 21.73 -6.90
C LEU A 317 1.21 22.47 -6.87
N GLY A 318 1.63 23.04 -7.99
CA GLY A 318 2.90 23.73 -8.04
C GLY A 318 4.11 22.82 -8.01
N LEU A 319 3.97 21.56 -8.49
CA LEU A 319 5.06 20.58 -8.51
C LEU A 319 5.51 20.27 -9.93
N PRO A 320 6.79 19.94 -10.13
CA PRO A 320 7.20 19.38 -11.42
C PRO A 320 6.69 17.96 -11.57
N TYR A 321 6.40 17.57 -12.80
CA TYR A 321 5.90 16.24 -13.06
C TYR A 321 6.95 15.20 -12.72
N ARG A 322 6.54 14.14 -12.02
CA ARG A 322 7.42 13.01 -11.72
C ARG A 322 6.86 11.78 -12.43
N GLU A 323 7.69 11.15 -13.26
CA GLU A 323 7.28 9.90 -13.88
C GLU A 323 7.06 8.84 -12.80
N PRO A 324 6.25 7.82 -13.09
CA PRO A 324 5.96 6.81 -12.06
C PRO A 324 7.20 6.24 -11.39
N ALA A 325 8.29 6.08 -12.14
CA ALA A 325 9.51 5.54 -11.55
C ALA A 325 10.06 6.45 -10.46
N GLU A 326 9.93 7.73 -10.57
CA GLU A 326 10.39 8.55 -9.47
C GLU A 326 9.34 8.84 -8.42
N ARG A 327 8.30 8.02 -8.34
CA ARG A 327 7.32 8.09 -7.27
C ARG A 327 7.46 6.92 -6.30
N ASP A 328 8.59 6.23 -6.35
CA ASP A 328 8.78 4.97 -5.62
C ASP A 328 9.36 5.27 -4.24
N TRP A 329 8.55 5.96 -3.45
CA TRP A 329 8.99 6.46 -2.16
C TRP A 329 8.65 5.49 -1.04
#